data_1ZAN
#
_entry.id   1ZAN
#
_cell.length_a   114.801
_cell.length_b   69.354
_cell.length_c   64.104
_cell.angle_alpha   90.00
_cell.angle_beta   117.02
_cell.angle_gamma   90.00
#
_symmetry.space_group_name_H-M   'C 1 2 1'
#
loop_
_entity.id
_entity.type
_entity.pdbx_description
1 polymer 'Fab AD11 Light Chain'
2 polymer 'Fab AD11 Heavy Chain'
3 non-polymer 'CHLORIDE ION'
4 water water
#
loop_
_entity_poly.entity_id
_entity_poly.type
_entity_poly.pdbx_seq_one_letter_code
_entity_poly.pdbx_strand_id
1 'polypeptide(L)'
;DIQMTQSPASLSASLGETVTIECRASEDIYNALAWYQQKPGKSPQLLIYNTDTLHTGVPSRFSGSGSGTQYSLKINSLQS
EDVASYFCQHYFGYPRTFGGGTKLELKRADAAPTVSIFPPSSEQLASGGASVVCLLNNFYPKDISVKWKIDGSERQNGVL
DSVTDQDSKDSTYSMSSTLTLTKAEYESHNSYTCEVTHKTSTSPVVKSFNRGEC
;
L
2 'polypeptide(L)'
;QVQLKESGPGLVQPSQTLSLTCTVSGFSLTNNNVNWVRQATGRGLEWMGGVWAGGATDYNSALKSRLTITRDTSKSQVFL
KMHSLQSEDTATYYCARDGGYSSSTLYAMDAWGQGTTVTVSSASTTAPSVYPLAPGSAAQTNSMVTLGCLVKGYFPEPVT
VTWNSGSLASGVHTFPAVLQSGLYTLSSSVTVPASPWASEAVTCNVAHPASSTKVDKKIVPRDC
;
H
#
loop_
_chem_comp.id
_chem_comp.type
_chem_comp.name
_chem_comp.formula
CL non-polymer 'CHLORIDE ION' 'Cl -1'
#
# COMPACT_ATOMS: atom_id res chain seq x y z
N ASP A 1 -28.76 -0.61 5.99
CA ASP A 1 -27.79 -1.67 5.59
C ASP A 1 -27.12 -2.24 6.83
N ILE A 2 -26.35 -3.30 6.63
CA ILE A 2 -25.67 -3.95 7.75
C ILE A 2 -24.23 -3.48 7.86
N GLN A 3 -23.85 -3.10 9.09
CA GLN A 3 -22.48 -2.64 9.36
C GLN A 3 -21.69 -3.82 9.91
N MET A 4 -20.43 -3.92 9.51
CA MET A 4 -19.53 -4.97 9.98
C MET A 4 -18.36 -4.31 10.71
N THR A 5 -18.27 -4.57 12.01
CA THR A 5 -17.22 -4.02 12.84
C THR A 5 -16.21 -5.10 13.19
N GLN A 6 -14.98 -4.91 12.73
CA GLN A 6 -13.92 -5.86 12.93
C GLN A 6 -12.88 -5.33 13.93
N SER A 7 -12.42 -6.21 14.82
CA SER A 7 -11.40 -5.85 15.81
C SER A 7 -10.44 -7.02 16.03
N PRO A 8 -9.16 -6.74 16.32
CA PRO A 8 -8.58 -5.40 16.43
C PRO A 8 -8.22 -4.91 15.03
N ALA A 9 -8.07 -3.60 14.87
CA ALA A 9 -7.72 -3.07 13.55
C ALA A 9 -6.33 -3.51 13.14
N SER A 10 -5.46 -3.73 14.12
CA SER A 10 -4.10 -4.18 13.81
C SER A 10 -3.60 -5.11 14.89
N LEU A 11 -2.67 -5.98 14.52
CA LEU A 11 -2.16 -6.95 15.48
C LEU A 11 -0.77 -7.46 15.13
N SER A 12 0.10 -7.54 16.13
CA SER A 12 1.44 -8.08 15.93
C SER A 12 1.55 -9.29 16.83
N ALA A 13 2.00 -10.40 16.27
CA ALA A 13 2.14 -11.63 17.03
C ALA A 13 3.38 -12.39 16.65
N SER A 14 3.83 -13.21 17.59
CA SER A 14 5.02 -13.99 17.35
C SER A 14 4.68 -15.28 16.63
N LEU A 15 5.65 -15.77 15.89
CA LEU A 15 5.50 -17.01 15.18
C LEU A 15 5.06 -18.03 16.22
N GLY A 16 4.15 -18.91 15.83
CA GLY A 16 3.65 -19.94 16.74
C GLY A 16 2.53 -19.56 17.69
N GLU A 17 2.21 -18.28 17.82
CA GLU A 17 1.13 -17.86 18.71
C GLU A 17 -0.22 -18.09 18.05
N THR A 18 -1.28 -17.93 18.85
CA THR A 18 -2.67 -18.05 18.41
C THR A 18 -3.25 -16.65 18.23
N VAL A 19 -3.75 -16.37 17.04
CA VAL A 19 -4.32 -15.07 16.75
C VAL A 19 -5.83 -15.23 16.68
N THR A 20 -6.54 -14.24 17.20
CA THR A 20 -8.00 -14.25 17.17
C THR A 20 -8.51 -12.87 16.73
N ILE A 21 -9.31 -12.87 15.66
CA ILE A 21 -9.89 -11.67 15.09
C ILE A 21 -11.40 -11.78 15.22
N GLU A 22 -12.04 -10.69 15.62
CA GLU A 22 -13.49 -10.67 15.80
C GLU A 22 -14.15 -9.84 14.73
N CYS A 23 -15.41 -10.14 14.50
CA CYS A 23 -16.21 -9.42 13.52
C CYS A 23 -17.62 -9.47 14.10
N ARG A 24 -18.23 -8.29 14.24
CA ARG A 24 -19.58 -8.17 14.77
C ARG A 24 -20.46 -7.51 13.73
N ALA A 25 -21.60 -8.12 13.42
CA ALA A 25 -22.52 -7.54 12.46
C ALA A 25 -23.49 -6.67 13.25
N SER A 26 -24.00 -5.62 12.64
CA SER A 26 -24.93 -4.74 13.34
C SER A 26 -26.33 -5.36 13.47
N GLU A 27 -26.52 -6.50 12.81
CA GLU A 27 -27.80 -7.19 12.78
C GLU A 27 -27.48 -8.67 12.55
N ASP A 28 -28.39 -9.57 12.94
CA ASP A 28 -28.21 -11.03 12.76
C ASP A 28 -27.96 -11.38 11.28
N ILE A 29 -26.85 -12.04 10.96
CA ILE A 29 -26.61 -12.40 9.56
C ILE A 29 -26.68 -13.91 9.30
N TYR A 30 -27.22 -14.65 10.29
CA TYR A 30 -27.47 -16.06 10.11
C TYR A 30 -26.37 -16.85 9.39
N ASN A 31 -25.14 -16.67 9.87
CA ASN A 31 -23.96 -17.41 9.36
C ASN A 31 -23.54 -17.14 7.92
N ALA A 32 -24.15 -16.17 7.26
CA ALA A 32 -23.79 -15.86 5.87
C ALA A 32 -22.58 -14.94 5.94
N LEU A 33 -21.45 -15.51 6.33
CA LEU A 33 -20.25 -14.72 6.51
C LEU A 33 -19.01 -15.39 5.91
N ALA A 34 -18.17 -14.59 5.27
CA ALA A 34 -16.93 -15.09 4.70
C ALA A 34 -15.75 -14.30 5.26
N TRP A 35 -14.57 -14.94 5.24
CA TRP A 35 -13.34 -14.29 5.66
C TRP A 35 -12.40 -14.30 4.44
N TYR A 36 -11.72 -13.20 4.19
CA TYR A 36 -10.76 -13.10 3.09
C TYR A 36 -9.39 -12.75 3.62
N GLN A 37 -8.37 -13.24 2.94
CA GLN A 37 -6.98 -12.96 3.29
C GLN A 37 -6.35 -12.17 2.14
N GLN A 38 -5.64 -11.10 2.45
CA GLN A 38 -4.96 -10.36 1.39
C GLN A 38 -3.51 -10.26 1.79
N LYS A 39 -2.67 -11.13 1.21
CA LYS A 39 -1.24 -11.12 1.49
C LYS A 39 -0.69 -9.81 0.92
N PRO A 40 0.50 -9.39 1.37
CA PRO A 40 1.04 -8.13 0.86
C PRO A 40 1.24 -8.06 -0.66
N GLY A 41 0.71 -7.00 -1.27
CA GLY A 41 0.83 -6.81 -2.70
C GLY A 41 0.07 -7.79 -3.59
N LYS A 42 -0.88 -8.52 -3.01
CA LYS A 42 -1.66 -9.51 -3.75
C LYS A 42 -3.17 -9.21 -3.70
N SER A 43 -3.97 -9.90 -4.50
CA SER A 43 -5.41 -9.72 -4.50
C SER A 43 -5.97 -10.42 -3.28
N PRO A 44 -7.19 -10.07 -2.86
CA PRO A 44 -7.79 -10.76 -1.70
C PRO A 44 -8.06 -12.21 -2.17
N GLN A 45 -8.11 -13.17 -1.23
CA GLN A 45 -8.43 -14.56 -1.59
C GLN A 45 -9.42 -15.06 -0.52
N LEU A 46 -10.36 -15.89 -0.93
CA LEU A 46 -11.35 -16.44 -0.02
C LEU A 46 -10.65 -17.42 0.93
N LEU A 47 -10.88 -17.25 2.22
CA LEU A 47 -10.26 -18.13 3.23
C LEU A 47 -11.28 -19.08 3.85
N ILE A 48 -12.38 -18.50 4.30
CA ILE A 48 -13.45 -19.24 4.96
C ILE A 48 -14.82 -18.74 4.51
N TYR A 49 -15.78 -19.65 4.29
CA TYR A 49 -17.11 -19.21 3.92
C TYR A 49 -18.15 -19.95 4.75
N ASN A 50 -19.37 -19.44 4.75
CA ASN A 50 -20.47 -20.02 5.55
C ASN A 50 -20.00 -20.17 7.01
N THR A 51 -19.32 -19.14 7.50
CA THR A 51 -18.80 -19.04 8.87
C THR A 51 -17.60 -19.90 9.24
N ASP A 52 -17.63 -21.19 8.88
CA ASP A 52 -16.55 -22.07 9.30
C ASP A 52 -16.02 -23.03 8.27
N THR A 53 -16.44 -22.90 7.02
CA THR A 53 -15.95 -23.84 6.00
C THR A 53 -14.69 -23.32 5.33
N LEU A 54 -13.59 -24.06 5.44
CA LEU A 54 -12.33 -23.59 4.81
C LEU A 54 -12.38 -23.76 3.30
N HIS A 55 -11.90 -22.76 2.57
CA HIS A 55 -11.86 -22.83 1.11
C HIS A 55 -10.72 -23.79 0.74
N THR A 56 -10.73 -24.25 -0.50
CA THR A 56 -9.72 -25.19 -0.97
C THR A 56 -8.29 -24.74 -0.73
N GLY A 57 -7.48 -25.63 -0.16
CA GLY A 57 -6.09 -25.31 0.08
C GLY A 57 -5.75 -24.53 1.34
N VAL A 58 -6.76 -24.02 2.03
CA VAL A 58 -6.48 -23.27 3.24
C VAL A 58 -6.07 -24.28 4.32
N PRO A 59 -4.91 -24.04 4.97
CA PRO A 59 -4.43 -24.95 6.01
C PRO A 59 -5.33 -25.03 7.23
N SER A 60 -5.26 -26.18 7.91
CA SER A 60 -6.11 -26.44 9.07
C SER A 60 -5.85 -25.57 10.27
N ARG A 61 -4.74 -24.83 10.29
CA ARG A 61 -4.49 -23.97 11.43
C ARG A 61 -5.51 -22.82 11.40
N PHE A 62 -6.19 -22.61 10.28
CA PHE A 62 -7.22 -21.55 10.24
C PHE A 62 -8.57 -22.12 10.61
N SER A 63 -9.36 -21.38 11.40
CA SER A 63 -10.70 -21.86 11.76
C SER A 63 -11.64 -20.69 11.99
N GLY A 64 -12.92 -20.88 11.67
CA GLY A 64 -13.86 -19.80 11.86
C GLY A 64 -15.00 -20.29 12.73
N SER A 65 -15.62 -19.39 13.47
CA SER A 65 -16.74 -19.78 14.32
C SER A 65 -17.65 -18.58 14.44
N GLY A 66 -18.80 -18.77 15.09
CA GLY A 66 -19.73 -17.68 15.28
C GLY A 66 -21.16 -17.99 14.90
N SER A 67 -22.06 -17.07 15.26
CA SER A 67 -23.48 -17.18 14.95
C SER A 67 -24.10 -15.85 15.34
N GLY A 68 -25.33 -15.62 14.88
CA GLY A 68 -26.00 -14.37 15.19
C GLY A 68 -25.25 -13.16 14.63
N THR A 69 -24.79 -12.29 15.52
CA THR A 69 -24.05 -11.09 15.13
C THR A 69 -22.57 -11.18 15.44
N GLN A 70 -22.14 -12.26 16.11
CA GLN A 70 -20.73 -12.40 16.51
C GLN A 70 -19.98 -13.55 15.85
N TYR A 71 -18.87 -13.21 15.20
CA TYR A 71 -18.05 -14.18 14.48
C TYR A 71 -16.57 -13.97 14.77
N SER A 72 -15.76 -15.00 14.52
CA SER A 72 -14.35 -14.86 14.76
C SER A 72 -13.55 -15.80 13.88
N LEU A 73 -12.32 -15.39 13.64
CA LEU A 73 -11.37 -16.15 12.84
C LEU A 73 -10.20 -16.45 13.76
N LYS A 74 -9.72 -17.68 13.73
CA LYS A 74 -8.60 -18.02 14.57
C LYS A 74 -7.50 -18.65 13.75
N ILE A 75 -6.26 -18.28 14.07
CA ILE A 75 -5.11 -18.87 13.39
C ILE A 75 -4.25 -19.49 14.47
N ASN A 76 -4.07 -20.81 14.44
CA ASN A 76 -3.21 -21.36 15.47
C ASN A 76 -1.82 -21.61 14.89
N SER A 77 -0.80 -21.47 15.74
CA SER A 77 0.58 -21.67 15.30
C SER A 77 0.84 -20.79 14.09
N LEU A 78 0.72 -19.49 14.31
CA LEU A 78 0.95 -18.47 13.30
C LEU A 78 2.26 -18.71 12.56
N GLN A 79 2.20 -18.68 11.22
CA GLN A 79 3.38 -18.87 10.39
C GLN A 79 3.68 -17.58 9.63
N SER A 80 4.91 -17.41 9.18
CA SER A 80 5.30 -16.19 8.47
C SER A 80 4.38 -15.91 7.27
N GLU A 81 3.97 -16.95 6.55
CA GLU A 81 3.10 -16.80 5.37
C GLU A 81 1.71 -16.27 5.73
N ASP A 82 1.40 -16.19 7.03
CA ASP A 82 0.10 -15.70 7.45
C ASP A 82 0.01 -14.19 7.63
N VAL A 83 1.13 -13.48 7.47
CA VAL A 83 1.16 -12.02 7.55
C VAL A 83 0.27 -11.51 6.41
N ALA A 84 -0.75 -10.75 6.75
CA ALA A 84 -1.71 -10.25 5.76
C ALA A 84 -2.77 -9.43 6.43
N SER A 85 -3.68 -8.90 5.64
CA SER A 85 -4.82 -8.21 6.20
C SER A 85 -5.96 -9.20 6.00
N TYR A 86 -6.84 -9.28 6.98
CA TYR A 86 -7.96 -10.21 6.93
C TYR A 86 -9.25 -9.41 7.00
N PHE A 87 -10.23 -9.79 6.18
CA PHE A 87 -11.48 -9.04 6.15
C PHE A 87 -12.64 -9.98 6.23
N CYS A 88 -13.65 -9.62 7.02
CA CYS A 88 -14.85 -10.42 7.05
C CYS A 88 -15.84 -9.75 6.09
N GLN A 89 -16.88 -10.47 5.70
CA GLN A 89 -17.89 -9.92 4.79
C GLN A 89 -19.18 -10.70 4.95
N HIS A 90 -20.32 -10.03 4.97
CA HIS A 90 -21.56 -10.77 5.07
C HIS A 90 -22.20 -10.83 3.71
N TYR A 91 -23.03 -11.84 3.49
CA TYR A 91 -23.80 -11.96 2.26
C TYR A 91 -25.22 -12.42 2.64
N PHE A 92 -25.72 -11.81 3.71
CA PHE A 92 -27.07 -12.09 4.21
C PHE A 92 -28.11 -11.36 3.38
N GLY A 93 -27.80 -10.12 3.04
CA GLY A 93 -28.72 -9.35 2.23
C GLY A 93 -27.89 -8.45 1.34
N TYR A 94 -28.57 -7.54 0.65
CA TYR A 94 -27.90 -6.59 -0.22
C TYR A 94 -28.20 -5.22 0.38
N PRO A 95 -27.21 -4.33 0.41
CA PRO A 95 -25.83 -4.51 -0.09
C PRO A 95 -24.93 -5.40 0.76
N ARG A 96 -23.93 -5.98 0.11
CA ARG A 96 -22.93 -6.76 0.84
C ARG A 96 -22.06 -5.72 1.54
N THR A 97 -21.49 -6.09 2.70
CA THR A 97 -20.63 -5.17 3.43
C THR A 97 -19.42 -5.89 3.98
N PHE A 98 -18.26 -5.24 3.91
CA PHE A 98 -17.00 -5.76 4.45
C PHE A 98 -16.70 -5.13 5.81
N GLY A 99 -15.99 -5.87 6.66
CA GLY A 99 -15.54 -5.30 7.91
C GLY A 99 -14.35 -4.41 7.54
N GLY A 100 -13.87 -3.59 8.49
CA GLY A 100 -12.75 -2.71 8.20
C GLY A 100 -11.37 -3.35 8.02
N GLY A 101 -11.25 -4.62 8.38
CA GLY A 101 -10.00 -5.33 8.24
C GLY A 101 -9.14 -5.37 9.48
N THR A 102 -8.28 -6.36 9.54
CA THR A 102 -7.34 -6.49 10.66
C THR A 102 -6.01 -6.72 9.99
N LYS A 103 -5.03 -5.86 10.29
CA LYS A 103 -3.72 -6.00 9.69
C LYS A 103 -2.82 -6.79 10.64
N LEU A 104 -2.38 -7.95 10.19
CA LEU A 104 -1.54 -8.82 11.00
C LEU A 104 -0.09 -8.78 10.59
N GLU A 105 0.77 -8.44 11.55
CA GLU A 105 2.21 -8.39 11.31
C GLU A 105 2.94 -9.26 12.33
N LEU A 106 4.19 -9.59 11.98
CA LEU A 106 5.04 -10.44 12.81
C LEU A 106 5.84 -9.70 13.87
N LYS A 107 5.98 -10.33 15.04
CA LYS A 107 6.78 -9.73 16.11
C LYS A 107 8.18 -10.30 15.94
N ARG A 108 9.16 -9.57 16.42
CA ARG A 108 10.53 -10.01 16.33
C ARG A 108 11.22 -9.20 17.41
N ALA A 109 12.51 -9.44 17.60
CA ALA A 109 13.26 -8.72 18.62
C ALA A 109 13.37 -7.26 18.24
N ASP A 110 13.34 -6.41 19.26
CA ASP A 110 13.48 -4.97 19.03
C ASP A 110 14.82 -4.71 18.29
N ALA A 111 14.83 -3.71 17.42
CA ALA A 111 16.04 -3.37 16.68
C ALA A 111 16.03 -1.85 16.55
N ALA A 112 17.16 -1.24 16.88
CA ALA A 112 17.23 0.23 16.83
C ALA A 112 17.44 0.68 15.39
N PRO A 113 16.89 1.84 15.04
CA PRO A 113 17.08 2.29 13.67
C PRO A 113 18.49 2.81 13.41
N THR A 114 18.95 2.67 12.18
CA THR A 114 20.23 3.21 11.81
C THR A 114 19.78 4.50 11.11
N VAL A 115 20.23 5.62 11.64
CA VAL A 115 19.80 6.94 11.13
C VAL A 115 20.84 7.66 10.31
N SER A 116 20.39 8.26 9.21
CA SER A 116 21.29 9.03 8.35
C SER A 116 20.57 10.31 7.94
N ILE A 117 21.33 11.40 7.88
CA ILE A 117 20.76 12.68 7.44
C ILE A 117 21.51 13.16 6.18
N PHE A 118 20.78 13.75 5.23
CA PHE A 118 21.33 14.21 3.97
C PHE A 118 20.91 15.63 3.66
N PRO A 119 21.87 16.47 3.31
CA PRO A 119 21.52 17.86 3.00
C PRO A 119 20.97 17.92 1.58
N PRO A 120 20.31 19.02 1.22
CA PRO A 120 19.80 19.09 -0.15
C PRO A 120 21.01 19.18 -1.09
N SER A 121 20.84 18.67 -2.30
CA SER A 121 21.92 18.71 -3.29
C SER A 121 22.00 20.12 -3.88
N SER A 122 23.20 20.49 -4.34
CA SER A 122 23.38 21.80 -4.95
C SER A 122 22.43 21.88 -6.13
N GLU A 123 22.30 20.76 -6.83
CA GLU A 123 21.40 20.70 -7.98
C GLU A 123 19.94 21.05 -7.67
N GLN A 124 19.39 20.47 -6.61
CA GLN A 124 18.01 20.81 -6.25
C GLN A 124 17.86 22.28 -5.83
N LEU A 125 18.82 22.85 -5.11
CA LEU A 125 18.66 24.27 -4.70
C LEU A 125 18.47 25.20 -5.89
N ALA A 126 19.08 24.85 -7.01
CA ALA A 126 18.98 25.64 -8.24
C ALA A 126 17.51 25.86 -8.58
N SER A 127 16.66 24.90 -8.23
CA SER A 127 15.24 24.98 -8.50
C SER A 127 14.52 25.96 -7.60
N GLY A 128 15.17 26.35 -6.50
CA GLY A 128 14.54 27.28 -5.57
C GLY A 128 13.91 26.60 -4.39
N GLY A 129 14.02 25.27 -4.37
CA GLY A 129 13.47 24.48 -3.27
C GLY A 129 14.53 23.58 -2.69
N ALA A 130 14.34 23.11 -1.45
CA ALA A 130 15.32 22.25 -0.80
C ALA A 130 14.62 21.14 -0.05
N SER A 131 15.17 19.93 -0.14
CA SER A 131 14.61 18.81 0.59
C SER A 131 15.74 18.26 1.45
N VAL A 132 15.48 18.19 2.76
CA VAL A 132 16.46 17.65 3.68
C VAL A 132 15.88 16.28 4.03
N VAL A 133 16.72 15.24 3.96
CA VAL A 133 16.19 13.90 4.17
C VAL A 133 16.82 13.17 5.33
N CYS A 134 15.96 12.52 6.12
CA CYS A 134 16.46 11.74 7.26
C CYS A 134 15.94 10.31 7.07
N LEU A 135 16.83 9.32 7.10
CA LEU A 135 16.42 7.91 6.93
C LEU A 135 16.58 7.17 8.27
N LEU A 136 15.62 6.29 8.56
CA LEU A 136 15.63 5.52 9.80
C LEU A 136 15.44 4.09 9.27
N ASN A 137 16.53 3.33 9.18
CA ASN A 137 16.40 2.00 8.58
C ASN A 137 16.53 0.80 9.50
N ASN A 138 15.77 -0.23 9.14
CA ASN A 138 15.75 -1.55 9.81
C ASN A 138 15.50 -1.55 11.30
N PHE A 139 14.37 -1.00 11.70
CA PHE A 139 14.01 -0.95 13.11
C PHE A 139 12.77 -1.77 13.41
N TYR A 140 12.57 -2.03 14.71
CA TYR A 140 11.39 -2.73 15.21
C TYR A 140 11.26 -2.39 16.70
N PRO A 141 10.04 -2.12 17.20
CA PRO A 141 8.73 -2.10 16.52
C PRO A 141 8.52 -0.92 15.60
N LYS A 142 7.38 -0.92 14.92
CA LYS A 142 7.10 0.14 13.96
C LYS A 142 6.94 1.55 14.55
N ASP A 143 6.42 1.65 15.76
CA ASP A 143 6.20 2.96 16.36
C ASP A 143 7.51 3.76 16.44
N ILE A 144 7.51 4.98 15.87
CA ILE A 144 8.73 5.78 15.86
C ILE A 144 8.31 7.23 15.65
N SER A 145 9.15 8.16 16.06
CA SER A 145 8.80 9.57 15.87
C SER A 145 10.05 10.33 15.46
N VAL A 146 9.86 11.36 14.63
CA VAL A 146 10.98 12.15 14.16
C VAL A 146 10.71 13.62 14.45
N LYS A 147 11.74 14.32 14.88
CA LYS A 147 11.64 15.75 15.14
C LYS A 147 12.77 16.43 14.40
N TRP A 148 12.43 17.43 13.60
CA TRP A 148 13.44 18.18 12.87
C TRP A 148 13.75 19.47 13.62
N LYS A 149 15.02 19.86 13.64
CA LYS A 149 15.43 21.13 14.26
C LYS A 149 16.38 21.87 13.33
N ILE A 150 16.21 23.20 13.27
CA ILE A 150 17.02 24.08 12.44
C ILE A 150 17.61 25.09 13.41
N ASP A 151 18.94 25.22 13.40
CA ASP A 151 19.67 26.09 14.31
C ASP A 151 19.15 25.92 15.74
N GLY A 152 18.95 24.66 16.10
CA GLY A 152 18.48 24.33 17.44
C GLY A 152 17.02 24.48 17.75
N SER A 153 16.23 24.96 16.79
CA SER A 153 14.81 25.19 17.03
C SER A 153 13.93 24.26 16.16
N GLU A 154 12.93 23.62 16.79
CA GLU A 154 12.03 22.69 16.09
C GLU A 154 11.26 23.25 14.90
N ARG A 155 11.20 22.46 13.83
CA ARG A 155 10.46 22.84 12.63
C ARG A 155 9.38 21.78 12.44
N GLN A 156 8.13 22.16 12.66
CA GLN A 156 7.01 21.23 12.54
C GLN A 156 6.42 21.05 11.15
N ASN A 157 6.33 22.15 10.41
CA ASN A 157 5.74 22.13 9.08
C ASN A 157 6.67 21.80 7.91
N GLY A 158 6.06 21.32 6.84
CA GLY A 158 6.80 20.99 5.64
C GLY A 158 7.44 19.62 5.72
N VAL A 159 6.94 18.78 6.60
CA VAL A 159 7.54 17.44 6.77
C VAL A 159 6.62 16.35 6.25
N LEU A 160 7.17 15.41 5.47
CA LEU A 160 6.38 14.28 4.97
C LEU A 160 7.19 13.03 5.32
N ASP A 161 6.50 11.99 5.78
CA ASP A 161 7.20 10.74 6.15
C ASP A 161 6.57 9.58 5.40
N SER A 162 7.35 8.51 5.23
CA SER A 162 6.85 7.34 4.57
C SER A 162 7.52 6.12 5.21
N VAL A 163 6.74 5.09 5.51
CA VAL A 163 7.30 3.88 6.10
C VAL A 163 7.04 2.68 5.20
N THR A 164 8.03 1.79 5.11
CA THR A 164 7.88 0.60 4.29
C THR A 164 7.00 -0.44 5.00
N ASP A 165 6.52 -1.43 4.25
CA ASP A 165 5.73 -2.50 4.87
C ASP A 165 6.78 -3.35 5.56
N GLN A 166 6.37 -4.18 6.51
CA GLN A 166 7.32 -5.03 7.21
C GLN A 166 8.15 -5.87 6.25
N ASP A 167 9.47 -5.91 6.46
CA ASP A 167 10.32 -6.67 5.55
C ASP A 167 10.03 -8.17 5.66
N SER A 168 9.74 -8.80 4.53
CA SER A 168 9.41 -10.23 4.52
C SER A 168 10.56 -11.12 5.01
N LYS A 169 11.78 -10.62 4.95
CA LYS A 169 12.95 -11.39 5.37
C LYS A 169 13.40 -11.12 6.81
N ASP A 170 13.61 -9.85 7.17
CA ASP A 170 14.05 -9.58 8.53
C ASP A 170 12.99 -9.02 9.48
N SER A 171 11.78 -8.82 8.99
CA SER A 171 10.66 -8.34 9.78
C SER A 171 10.82 -6.94 10.35
N THR A 172 11.72 -6.17 9.77
CA THR A 172 11.91 -4.81 10.28
C THR A 172 11.16 -3.84 9.39
N TYR A 173 11.16 -2.59 9.81
CA TYR A 173 10.52 -1.49 9.05
C TYR A 173 11.59 -0.46 8.77
N SER A 174 11.40 0.39 7.76
CA SER A 174 12.35 1.46 7.51
C SER A 174 11.49 2.70 7.20
N MET A 175 11.98 3.90 7.54
CA MET A 175 11.18 5.09 7.29
C MET A 175 12.04 6.23 6.79
N SER A 176 11.46 7.10 5.95
CA SER A 176 12.21 8.26 5.48
C SER A 176 11.37 9.47 5.90
N SER A 177 12.03 10.55 6.27
CA SER A 177 11.28 11.76 6.62
C SER A 177 11.94 12.85 5.79
N THR A 178 11.14 13.68 5.12
CA THR A 178 11.73 14.73 4.30
C THR A 178 11.16 16.07 4.70
N LEU A 179 12.05 17.01 5.01
CA LEU A 179 11.66 18.37 5.38
C LEU A 179 11.92 19.22 4.13
N THR A 180 10.87 19.85 3.62
CA THR A 180 11.08 20.69 2.45
C THR A 180 10.91 22.15 2.85
N LEU A 181 11.76 22.99 2.28
CA LEU A 181 11.68 24.41 2.57
C LEU A 181 12.22 25.16 1.37
N THR A 182 11.98 26.47 1.34
CA THR A 182 12.47 27.22 0.21
C THR A 182 13.97 27.38 0.28
N LYS A 183 14.60 27.64 -0.87
CA LYS A 183 16.02 27.87 -0.90
C LYS A 183 16.39 29.01 0.09
N ALA A 184 15.62 30.09 0.11
CA ALA A 184 15.90 31.20 1.04
C ALA A 184 15.92 30.78 2.51
N GLU A 185 14.96 29.94 2.86
CA GLU A 185 14.78 29.41 4.21
C GLU A 185 16.03 28.58 4.54
N TYR A 186 16.34 27.62 3.67
CA TYR A 186 17.49 26.76 3.88
C TYR A 186 18.82 27.52 4.02
N GLU A 187 19.02 28.50 3.14
CA GLU A 187 20.26 29.27 3.15
C GLU A 187 20.36 30.29 4.25
N SER A 188 19.31 30.43 5.04
CA SER A 188 19.34 31.40 6.13
C SER A 188 19.62 30.73 7.48
N HIS A 189 19.84 29.43 7.47
CA HIS A 189 20.15 28.72 8.72
C HIS A 189 21.34 27.81 8.50
N ASN A 190 21.98 27.35 9.59
CA ASN A 190 23.17 26.53 9.44
C ASN A 190 23.15 25.09 9.94
N SER A 191 22.56 24.87 11.11
CA SER A 191 22.55 23.51 11.70
C SER A 191 21.23 22.82 11.46
N TYR A 192 21.30 21.66 10.80
CA TYR A 192 20.13 20.86 10.48
C TYR A 192 20.23 19.54 11.23
N THR A 193 19.17 19.23 11.97
CA THR A 193 19.17 18.04 12.81
C THR A 193 17.89 17.23 12.74
N CYS A 194 18.02 15.90 12.71
CA CYS A 194 16.81 15.09 12.84
C CYS A 194 17.07 14.26 14.07
N GLU A 195 16.06 14.25 14.94
CA GLU A 195 16.05 13.50 16.21
C GLU A 195 15.03 12.39 16.08
N VAL A 196 15.44 11.18 16.44
CA VAL A 196 14.56 10.03 16.28
C VAL A 196 14.30 9.38 17.61
N THR A 197 13.02 9.26 17.95
CA THR A 197 12.60 8.63 19.20
C THR A 197 12.03 7.24 18.89
N HIS A 198 12.51 6.22 19.61
CA HIS A 198 12.09 4.85 19.39
C HIS A 198 12.29 4.14 20.73
N LYS A 199 11.53 3.07 20.95
CA LYS A 199 11.54 2.29 22.18
C LYS A 199 12.92 1.81 22.60
N THR A 200 13.77 1.58 21.62
CA THR A 200 15.13 1.09 21.84
C THR A 200 16.09 2.04 22.56
N SER A 201 15.71 3.31 22.74
CA SER A 201 16.60 4.23 23.49
C SER A 201 15.79 5.15 24.38
N THR A 202 16.41 5.72 25.41
CA THR A 202 15.67 6.61 26.28
C THR A 202 15.93 8.08 26.03
N SER A 203 16.69 8.37 24.99
CA SER A 203 16.93 9.75 24.56
C SER A 203 17.00 9.63 23.05
N PRO A 204 16.68 10.70 22.33
CA PRO A 204 16.73 10.57 20.87
C PRO A 204 18.06 10.28 20.22
N VAL A 205 18.01 9.58 19.09
CA VAL A 205 19.17 9.32 18.26
C VAL A 205 19.21 10.60 17.46
N VAL A 206 20.34 11.30 17.48
CA VAL A 206 20.46 12.58 16.78
C VAL A 206 21.50 12.56 15.68
N LYS A 207 21.12 13.03 14.49
CA LYS A 207 22.06 13.11 13.37
C LYS A 207 21.93 14.54 12.87
N SER A 208 23.05 15.17 12.54
CA SER A 208 23.02 16.56 12.10
C SER A 208 24.06 16.85 11.03
N PHE A 209 23.92 18.00 10.39
CA PHE A 209 24.94 18.48 9.47
C PHE A 209 24.90 20.00 9.50
N ASN A 210 25.99 20.64 9.08
CA ASN A 210 26.05 22.10 9.01
C ASN A 210 26.06 22.45 7.54
N ARG A 211 25.24 23.41 7.15
CA ARG A 211 25.17 23.83 5.77
C ARG A 211 26.53 24.37 5.36
N GLY A 212 27.12 25.17 6.26
CA GLY A 212 28.41 25.77 6.01
C GLY A 212 29.63 24.85 6.04
N GLU A 213 29.40 23.54 6.11
CA GLU A 213 30.48 22.55 6.13
C GLU A 213 30.38 21.51 5.03
N GLN B 1 -9.02 -23.24 -13.88
CA GLN B 1 -9.11 -22.51 -15.18
C GLN B 1 -9.92 -21.23 -15.08
N VAL B 2 -10.54 -20.99 -13.92
CA VAL B 2 -11.34 -19.78 -13.72
C VAL B 2 -10.41 -18.57 -13.63
N GLN B 3 -10.69 -17.55 -14.44
CA GLN B 3 -9.85 -16.36 -14.45
C GLN B 3 -10.67 -15.09 -14.68
N LEU B 4 -10.29 -14.01 -13.99
CA LEU B 4 -10.92 -12.72 -14.15
C LEU B 4 -9.79 -11.73 -14.35
N LYS B 5 -9.97 -10.79 -15.29
CA LYS B 5 -8.94 -9.81 -15.57
C LYS B 5 -9.52 -8.42 -15.80
N GLU B 6 -9.08 -7.48 -14.98
CA GLU B 6 -9.57 -6.11 -15.09
C GLU B 6 -8.71 -5.30 -16.05
N SER B 7 -9.34 -4.39 -16.79
CA SER B 7 -8.61 -3.54 -17.71
C SER B 7 -9.32 -2.21 -17.82
N GLY B 8 -8.63 -1.22 -18.39
CA GLY B 8 -9.25 0.09 -18.54
C GLY B 8 -8.30 1.23 -18.21
N PRO B 9 -8.68 2.48 -18.53
CA PRO B 9 -7.81 3.63 -18.24
C PRO B 9 -7.50 3.77 -16.76
N GLY B 10 -6.21 3.63 -16.43
CA GLY B 10 -5.77 3.72 -15.05
C GLY B 10 -5.55 5.13 -14.54
N LEU B 11 -5.90 6.11 -15.37
CA LEU B 11 -5.74 7.50 -15.00
C LEU B 11 -6.95 8.31 -15.44
N VAL B 12 -7.65 8.94 -14.49
CA VAL B 12 -8.83 9.73 -14.82
C VAL B 12 -8.89 11.07 -14.08
N GLN B 13 -9.30 12.11 -14.79
CA GLN B 13 -9.42 13.43 -14.20
C GLN B 13 -10.68 13.54 -13.35
N PRO B 14 -10.62 14.33 -12.27
CA PRO B 14 -11.77 14.51 -11.38
C PRO B 14 -13.03 14.95 -12.14
N SER B 15 -14.20 14.69 -11.54
CA SER B 15 -15.49 15.02 -12.15
C SER B 15 -15.76 14.17 -13.39
N GLN B 16 -14.72 13.52 -13.92
CA GLN B 16 -14.86 12.70 -15.12
C GLN B 16 -15.38 11.30 -14.83
N THR B 17 -15.44 10.46 -15.87
CA THR B 17 -15.97 9.10 -15.73
C THR B 17 -14.97 7.94 -15.84
N LEU B 18 -15.12 6.99 -14.93
CA LEU B 18 -14.27 5.80 -14.89
C LEU B 18 -14.98 4.68 -15.65
N SER B 19 -14.26 4.04 -16.56
CA SER B 19 -14.82 2.94 -17.33
C SER B 19 -13.85 1.76 -17.28
N LEU B 20 -14.28 0.69 -16.62
CA LEU B 20 -13.43 -0.48 -16.51
C LEU B 20 -14.13 -1.70 -17.06
N THR B 21 -13.33 -2.67 -17.50
CA THR B 21 -13.83 -3.92 -18.05
C THR B 21 -13.22 -5.13 -17.31
N CYS B 22 -14.06 -6.12 -17.05
CA CYS B 22 -13.62 -7.37 -16.42
C CYS B 22 -13.91 -8.49 -17.44
N THR B 23 -12.86 -9.14 -17.91
CA THR B 23 -13.00 -10.21 -18.87
C THR B 23 -12.78 -11.52 -18.14
N VAL B 24 -13.77 -12.39 -18.21
CA VAL B 24 -13.67 -13.67 -17.53
C VAL B 24 -13.48 -14.82 -18.50
N SER B 25 -12.95 -15.92 -17.97
CA SER B 25 -12.73 -17.13 -18.74
C SER B 25 -12.80 -18.32 -17.79
N GLY B 26 -13.21 -19.46 -18.31
CA GLY B 26 -13.30 -20.63 -17.47
C GLY B 26 -14.67 -20.81 -16.85
N PHE B 27 -15.56 -19.83 -17.04
CA PHE B 27 -16.91 -19.93 -16.52
C PHE B 27 -17.80 -18.99 -17.31
N SER B 28 -19.10 -19.24 -17.28
CA SER B 28 -20.05 -18.40 -18.01
C SER B 28 -20.81 -17.41 -17.13
N LEU B 29 -21.06 -16.22 -17.66
CA LEU B 29 -21.78 -15.22 -16.90
C LEU B 29 -23.24 -15.63 -16.74
N THR B 30 -23.68 -16.58 -17.56
CA THR B 30 -25.07 -17.05 -17.50
C THR B 30 -25.43 -17.73 -16.18
N ASN B 31 -24.45 -18.30 -15.48
CA ASN B 31 -24.76 -18.94 -14.20
C ASN B 31 -23.82 -18.55 -13.09
N ASN B 32 -23.24 -17.35 -13.21
CA ASN B 32 -22.34 -16.84 -12.21
C ASN B 32 -22.58 -15.37 -11.95
N ASN B 33 -22.15 -14.92 -10.77
CA ASN B 33 -22.31 -13.53 -10.34
C ASN B 33 -20.95 -12.86 -10.37
N VAL B 34 -20.89 -11.60 -10.81
CA VAL B 34 -19.59 -10.91 -10.80
C VAL B 34 -19.75 -9.61 -10.03
N ASN B 35 -18.85 -9.40 -9.07
CA ASN B 35 -18.88 -8.24 -8.22
C ASN B 35 -17.68 -7.34 -8.51
N TRP B 36 -17.83 -6.05 -8.16
CA TRP B 36 -16.72 -5.10 -8.27
C TRP B 36 -16.42 -4.68 -6.83
N VAL B 37 -15.15 -4.77 -6.44
CA VAL B 37 -14.70 -4.41 -5.11
C VAL B 37 -13.48 -3.53 -5.28
N ARG B 38 -13.39 -2.49 -4.45
CA ARG B 38 -12.28 -1.53 -4.53
C ARG B 38 -11.51 -1.48 -3.22
N GLN B 39 -10.23 -1.19 -3.33
CA GLN B 39 -9.45 -1.08 -2.12
C GLN B 39 -8.66 0.20 -2.18
N ALA B 40 -9.04 1.13 -1.32
CA ALA B 40 -8.38 2.43 -1.22
C ALA B 40 -7.62 2.50 0.10
N THR B 41 -6.46 3.13 0.10
CA THR B 41 -5.67 3.24 1.32
C THR B 41 -6.52 3.79 2.47
N GLY B 42 -6.48 3.10 3.62
CA GLY B 42 -7.22 3.56 4.79
C GLY B 42 -8.69 3.18 4.80
N ARG B 43 -9.15 2.53 3.72
CA ARG B 43 -10.53 2.12 3.64
C ARG B 43 -10.74 0.65 3.33
N GLY B 44 -9.78 -0.19 3.75
CA GLY B 44 -9.90 -1.63 3.52
C GLY B 44 -10.58 -1.94 2.21
N LEU B 45 -11.43 -2.96 2.19
CA LEU B 45 -12.15 -3.32 0.97
C LEU B 45 -13.56 -2.73 0.99
N GLU B 46 -14.06 -2.31 -0.17
CA GLU B 46 -15.41 -1.77 -0.28
C GLU B 46 -16.15 -2.47 -1.43
N TRP B 47 -17.29 -3.08 -1.13
CA TRP B 47 -18.09 -3.74 -2.17
C TRP B 47 -18.80 -2.59 -2.90
N MET B 48 -18.66 -2.56 -4.22
CA MET B 48 -19.28 -1.50 -5.04
C MET B 48 -20.66 -1.94 -5.56
N GLY B 49 -20.75 -3.20 -5.95
CA GLY B 49 -22.00 -3.74 -6.47
C GLY B 49 -21.70 -4.94 -7.33
N GLY B 50 -22.70 -5.47 -8.00
CA GLY B 50 -22.46 -6.61 -8.86
C GLY B 50 -23.56 -6.85 -9.87
N VAL B 51 -23.29 -7.71 -10.86
CA VAL B 51 -24.31 -8.06 -11.84
C VAL B 51 -24.49 -9.57 -11.73
N TRP B 52 -25.74 -9.96 -11.48
CA TRP B 52 -26.06 -11.36 -11.25
C TRP B 52 -26.31 -12.19 -12.51
N ALA B 53 -26.32 -13.51 -12.35
CA ALA B 53 -26.46 -14.42 -13.47
C ALA B 53 -27.55 -14.10 -14.48
N GLY B 54 -28.65 -13.52 -14.03
CA GLY B 54 -29.74 -13.21 -14.95
C GLY B 54 -29.70 -11.76 -15.46
N GLY B 55 -28.68 -11.03 -15.05
CA GLY B 55 -28.54 -9.63 -15.49
C GLY B 55 -29.01 -8.61 -14.46
N ALA B 56 -29.63 -9.09 -13.39
CA ALA B 56 -30.09 -8.18 -12.33
C ALA B 56 -28.85 -7.57 -11.69
N THR B 57 -29.03 -6.44 -11.02
CA THR B 57 -27.91 -5.76 -10.38
C THR B 57 -28.24 -5.26 -8.98
N ASP B 58 -27.21 -5.09 -8.15
CA ASP B 58 -27.38 -4.48 -6.82
C ASP B 58 -26.12 -3.65 -6.61
N TYR B 59 -26.28 -2.55 -5.88
CA TYR B 59 -25.19 -1.58 -5.67
C TYR B 59 -24.99 -1.16 -4.22
N ASN B 60 -23.79 -0.67 -3.95
CA ASN B 60 -23.39 -0.12 -2.68
C ASN B 60 -24.33 1.11 -2.52
N SER B 61 -24.84 1.34 -1.31
CA SER B 61 -25.77 2.45 -1.10
C SER B 61 -25.22 3.81 -1.50
N ALA B 62 -24.03 4.12 -1.01
CA ALA B 62 -23.40 5.41 -1.30
C ALA B 62 -23.07 5.63 -2.77
N LEU B 63 -22.65 4.58 -3.47
CA LEU B 63 -22.28 4.68 -4.88
C LEU B 63 -23.39 4.49 -5.91
N LYS B 64 -24.54 3.98 -5.48
CA LYS B 64 -25.64 3.70 -6.40
C LYS B 64 -25.94 4.84 -7.36
N SER B 65 -25.99 6.05 -6.85
CA SER B 65 -26.32 7.20 -7.69
C SER B 65 -25.36 7.52 -8.82
N ARG B 66 -24.14 6.99 -8.78
CA ARG B 66 -23.19 7.30 -9.86
C ARG B 66 -22.49 6.09 -10.45
N LEU B 67 -22.99 4.90 -10.15
CA LEU B 67 -22.37 3.67 -10.65
C LEU B 67 -23.33 2.82 -11.46
N THR B 68 -22.86 2.27 -12.57
CA THR B 68 -23.66 1.39 -13.40
C THR B 68 -22.79 0.20 -13.80
N ILE B 69 -23.28 -0.99 -13.49
CA ILE B 69 -22.55 -2.21 -13.84
C ILE B 69 -23.40 -2.97 -14.83
N THR B 70 -22.79 -3.39 -15.93
CA THR B 70 -23.46 -4.12 -16.99
C THR B 70 -22.57 -5.26 -17.42
N ARG B 71 -23.03 -6.04 -18.40
CA ARG B 71 -22.23 -7.14 -18.92
C ARG B 71 -22.64 -7.46 -20.34
N ASP B 72 -21.80 -8.24 -21.00
CA ASP B 72 -22.08 -8.69 -22.36
C ASP B 72 -21.74 -10.16 -22.25
N THR B 73 -22.75 -10.99 -22.02
CA THR B 73 -22.52 -12.41 -21.85
C THR B 73 -21.83 -13.08 -23.02
N SER B 74 -22.14 -12.67 -24.23
CA SER B 74 -21.53 -13.27 -25.42
C SER B 74 -20.01 -13.06 -25.48
N LYS B 75 -19.53 -11.95 -24.93
CA LYS B 75 -18.10 -11.65 -24.94
C LYS B 75 -17.44 -11.96 -23.59
N SER B 76 -18.21 -12.48 -22.65
CA SER B 76 -17.69 -12.78 -21.32
C SER B 76 -17.07 -11.54 -20.70
N GLN B 77 -17.79 -10.44 -20.78
CA GLN B 77 -17.26 -9.21 -20.21
C GLN B 77 -18.24 -8.56 -19.25
N VAL B 78 -17.70 -8.03 -18.15
CA VAL B 78 -18.52 -7.32 -17.19
C VAL B 78 -17.97 -5.89 -17.21
N PHE B 79 -18.83 -4.90 -17.11
CA PHE B 79 -18.38 -3.51 -17.16
C PHE B 79 -18.73 -2.69 -15.94
N LEU B 80 -17.86 -1.74 -15.62
CA LEU B 80 -18.10 -0.81 -14.55
C LEU B 80 -17.98 0.59 -15.16
N LYS B 81 -18.94 1.45 -14.82
CA LYS B 81 -18.92 2.85 -15.26
C LYS B 81 -19.35 3.68 -14.06
N MET B 82 -18.48 4.58 -13.64
CA MET B 82 -18.79 5.42 -12.49
C MET B 82 -18.53 6.89 -12.80
N HIS B 83 -19.52 7.72 -12.46
CA HIS B 83 -19.46 9.16 -12.71
C HIS B 83 -18.98 9.99 -11.54
N SER B 84 -18.78 11.27 -11.82
CA SER B 84 -18.38 12.23 -10.82
C SER B 84 -17.25 11.73 -9.93
N LEU B 85 -16.16 11.28 -10.55
CA LEU B 85 -15.02 10.78 -9.79
C LEU B 85 -14.35 11.88 -9.00
N GLN B 86 -13.84 11.54 -7.82
CA GLN B 86 -13.13 12.50 -7.00
C GLN B 86 -11.88 11.81 -6.47
N SER B 87 -11.00 12.58 -5.83
CA SER B 87 -9.75 12.05 -5.29
C SER B 87 -9.86 10.72 -4.56
N GLU B 88 -10.78 10.64 -3.62
CA GLU B 88 -10.99 9.44 -2.83
C GLU B 88 -11.39 8.22 -3.66
N ASP B 89 -11.64 8.39 -4.96
CA ASP B 89 -11.99 7.28 -5.81
C ASP B 89 -10.72 6.60 -6.31
N THR B 90 -9.58 7.13 -5.90
CA THR B 90 -8.29 6.54 -6.26
C THR B 90 -8.20 5.25 -5.43
N ALA B 91 -7.95 4.14 -6.11
CA ALA B 91 -7.91 2.86 -5.42
C ALA B 91 -7.59 1.75 -6.41
N THR B 92 -7.46 0.52 -5.91
CA THR B 92 -7.23 -0.59 -6.81
C THR B 92 -8.61 -1.23 -6.93
N TYR B 93 -9.04 -1.44 -8.16
CA TYR B 93 -10.37 -2.02 -8.44
C TYR B 93 -10.27 -3.47 -8.86
N TYR B 94 -11.13 -4.31 -8.26
CA TYR B 94 -11.14 -5.73 -8.53
C TYR B 94 -12.50 -6.22 -8.95
N CYS B 95 -12.53 -7.25 -9.79
CA CYS B 95 -13.83 -7.89 -10.05
C CYS B 95 -13.63 -9.27 -9.42
N ALA B 96 -14.72 -9.86 -8.97
CA ALA B 96 -14.63 -11.15 -8.28
C ALA B 96 -15.92 -11.91 -8.51
N ARG B 97 -15.79 -13.21 -8.69
CA ARG B 97 -16.92 -14.06 -8.94
C ARG B 97 -17.48 -14.73 -7.68
N ASP B 98 -18.79 -14.88 -7.64
CA ASP B 98 -19.43 -15.71 -6.61
C ASP B 98 -20.38 -16.59 -7.41
N GLY B 99 -20.49 -17.86 -7.03
CA GLY B 99 -21.32 -18.76 -7.81
C GLY B 99 -22.79 -18.88 -7.49
N GLY B 100 -23.24 -18.32 -6.37
CA GLY B 100 -24.64 -18.45 -6.00
C GLY B 100 -24.99 -19.89 -5.62
N TYR B 101 -26.26 -20.28 -5.74
CA TYR B 101 -26.65 -21.65 -5.36
C TYR B 101 -26.00 -22.79 -6.18
N SER B 102 -25.51 -22.47 -7.36
CA SER B 102 -24.89 -23.50 -8.17
C SER B 102 -23.46 -23.81 -7.74
N SER B 103 -22.99 -23.13 -6.70
CA SER B 103 -21.63 -23.31 -6.22
C SER B 103 -21.55 -23.74 -4.77
N SER B 104 -20.55 -24.53 -4.43
CA SER B 104 -20.37 -24.97 -3.06
C SER B 104 -20.05 -23.77 -2.15
N THR B 105 -19.49 -22.71 -2.73
CA THR B 105 -19.13 -21.51 -1.96
C THR B 105 -20.23 -20.46 -1.87
N LEU B 106 -21.40 -20.82 -2.38
CA LEU B 106 -22.58 -19.95 -2.33
C LEU B 106 -22.23 -18.54 -2.78
N TYR B 107 -22.56 -17.52 -1.97
CA TYR B 107 -22.32 -16.14 -2.37
C TYR B 107 -20.95 -15.57 -2.01
N ALA B 108 -20.06 -16.39 -1.45
CA ALA B 108 -18.74 -15.89 -1.12
C ALA B 108 -17.95 -15.72 -2.44
N MET B 109 -17.08 -14.71 -2.47
CA MET B 109 -16.30 -14.42 -3.69
C MET B 109 -15.07 -15.28 -3.71
N ASP B 110 -15.18 -16.37 -4.48
CA ASP B 110 -14.12 -17.36 -4.52
C ASP B 110 -13.00 -17.14 -5.53
N ALA B 111 -13.23 -16.30 -6.54
CA ALA B 111 -12.20 -16.03 -7.55
C ALA B 111 -12.11 -14.55 -7.81
N TRP B 112 -10.89 -14.03 -7.72
CA TRP B 112 -10.64 -12.60 -7.89
C TRP B 112 -9.67 -12.31 -9.00
N GLY B 113 -9.82 -11.13 -9.62
CA GLY B 113 -8.88 -10.71 -10.65
C GLY B 113 -7.63 -10.16 -9.96
N GLN B 114 -6.66 -9.74 -10.75
CA GLN B 114 -5.40 -9.22 -10.21
C GLN B 114 -5.51 -7.76 -9.79
N GLY B 115 -6.63 -7.13 -10.14
CA GLY B 115 -6.87 -5.75 -9.79
C GLY B 115 -6.23 -4.75 -10.74
N THR B 116 -6.82 -3.56 -10.84
CA THR B 116 -6.26 -2.52 -11.69
C THR B 116 -6.23 -1.22 -10.91
N THR B 117 -5.06 -0.57 -10.90
CA THR B 117 -4.89 0.69 -10.18
C THR B 117 -5.52 1.84 -10.92
N VAL B 118 -6.28 2.65 -10.19
CA VAL B 118 -6.92 3.82 -10.78
C VAL B 118 -6.52 5.02 -9.96
N THR B 119 -6.03 6.05 -10.63
CA THR B 119 -5.65 7.26 -9.94
C THR B 119 -6.56 8.34 -10.49
N VAL B 120 -7.23 9.06 -9.61
CA VAL B 120 -8.09 10.14 -10.04
C VAL B 120 -7.35 11.41 -9.66
N SER B 121 -6.88 12.14 -10.67
CA SER B 121 -6.12 13.35 -10.41
C SER B 121 -6.13 14.30 -11.62
N SER B 122 -5.91 15.58 -11.36
CA SER B 122 -5.87 16.59 -12.40
C SER B 122 -4.42 16.77 -12.91
N ALA B 123 -3.47 16.15 -12.21
CA ALA B 123 -2.07 16.28 -12.59
C ALA B 123 -1.76 15.68 -13.97
N SER B 124 -0.72 16.19 -14.62
CA SER B 124 -0.34 15.71 -15.96
C SER B 124 0.89 14.83 -15.86
N THR B 125 1.03 13.89 -16.78
CA THR B 125 2.17 12.99 -16.78
C THR B 125 3.49 13.80 -16.84
N THR B 126 4.33 13.60 -15.84
CA THR B 126 5.58 14.33 -15.71
C THR B 126 6.74 13.39 -15.34
N ALA B 127 7.88 13.50 -16.02
CA ALA B 127 9.03 12.66 -15.70
C ALA B 127 9.69 13.18 -14.41
N PRO B 128 10.32 12.28 -13.63
CA PRO B 128 10.93 12.80 -12.41
C PRO B 128 12.27 13.48 -12.60
N SER B 129 12.63 14.27 -11.60
CA SER B 129 13.94 14.88 -11.56
C SER B 129 14.61 14.01 -10.50
N VAL B 130 15.86 13.65 -10.71
CA VAL B 130 16.56 12.79 -9.77
C VAL B 130 17.72 13.51 -9.12
N TYR B 131 17.69 13.61 -7.78
CA TYR B 131 18.74 14.30 -7.04
C TYR B 131 19.52 13.35 -6.16
N PRO B 132 20.81 13.62 -5.98
CA PRO B 132 21.59 12.71 -5.13
C PRO B 132 21.48 12.95 -3.64
N LEU B 133 21.62 11.88 -2.88
CA LEU B 133 21.67 12.00 -1.43
C LEU B 133 23.04 11.44 -1.11
N ALA B 134 23.98 12.34 -0.85
CA ALA B 134 25.36 11.98 -0.51
C ALA B 134 25.67 12.41 0.91
N PRO B 135 26.45 11.62 1.66
CA PRO B 135 26.81 11.96 3.04
C PRO B 135 27.37 13.38 3.06
N GLY B 136 26.66 14.32 3.67
CA GLY B 136 27.15 15.68 3.67
C GLY B 136 27.19 16.36 5.02
N SER B 143 32.16 1.25 8.76
CA SER B 143 32.53 0.34 7.62
C SER B 143 31.45 0.29 6.54
N MET B 144 30.29 0.87 6.81
CA MET B 144 29.20 0.89 5.84
C MET B 144 28.77 2.33 5.60
N VAL B 145 28.34 2.63 4.37
CA VAL B 145 27.90 3.97 4.00
C VAL B 145 26.49 3.89 3.38
N THR B 146 25.62 4.84 3.71
CA THR B 146 24.27 4.85 3.15
C THR B 146 24.14 6.06 2.23
N LEU B 147 23.72 5.79 0.99
CA LEU B 147 23.57 6.83 -0.02
C LEU B 147 22.17 6.70 -0.56
N GLY B 148 21.78 7.57 -1.46
CA GLY B 148 20.45 7.42 -2.00
C GLY B 148 20.15 8.43 -3.07
N CYS B 149 18.93 8.37 -3.58
CA CYS B 149 18.54 9.35 -4.55
C CYS B 149 17.09 9.74 -4.32
N LEU B 150 16.81 11.03 -4.52
CA LEU B 150 15.48 11.58 -4.32
C LEU B 150 14.88 11.71 -5.72
N VAL B 151 13.78 11.00 -5.96
CA VAL B 151 13.08 10.94 -7.25
C VAL B 151 11.89 11.86 -7.05
N LYS B 152 12.03 13.10 -7.52
CA LYS B 152 11.02 14.09 -7.24
C LYS B 152 10.14 14.65 -8.36
N GLY B 153 8.88 14.87 -8.02
CA GLY B 153 7.97 15.50 -8.97
C GLY B 153 7.54 14.76 -10.22
N TYR B 154 7.17 13.49 -10.07
CA TYR B 154 6.72 12.72 -11.20
C TYR B 154 5.23 12.37 -11.04
N PHE B 155 4.63 11.99 -12.16
CA PHE B 155 3.23 11.59 -12.18
C PHE B 155 3.00 10.83 -13.47
N PRO B 156 2.26 9.72 -13.41
CA PRO B 156 1.65 9.16 -12.20
C PRO B 156 2.61 8.08 -11.69
N GLU B 157 2.16 7.30 -10.72
CA GLU B 157 2.96 6.18 -10.26
C GLU B 157 2.91 5.15 -11.39
N PRO B 158 3.88 4.23 -11.45
CA PRO B 158 5.00 4.16 -10.50
C PRO B 158 6.31 4.44 -11.19
N VAL B 159 7.37 4.38 -10.41
CA VAL B 159 8.72 4.49 -10.93
C VAL B 159 9.34 3.23 -10.34
N THR B 160 10.44 2.79 -10.91
CA THR B 160 11.14 1.64 -10.34
C THR B 160 12.56 2.17 -10.18
N VAL B 161 13.24 1.76 -9.12
CA VAL B 161 14.58 2.21 -8.87
C VAL B 161 15.47 1.01 -8.61
N THR B 162 16.64 1.00 -9.24
CA THR B 162 17.61 -0.07 -9.00
C THR B 162 18.92 0.64 -8.77
N TRP B 163 19.90 -0.08 -8.25
CA TRP B 163 21.19 0.49 -7.96
C TRP B 163 22.24 -0.34 -8.69
N ASN B 164 23.04 0.32 -9.51
CA ASN B 164 24.06 -0.33 -10.33
C ASN B 164 23.39 -1.48 -11.07
N SER B 165 22.24 -1.16 -11.68
CA SER B 165 21.45 -2.10 -12.46
C SER B 165 21.09 -3.40 -11.75
N GLY B 166 20.84 -3.33 -10.46
CA GLY B 166 20.46 -4.52 -9.70
C GLY B 166 21.62 -5.19 -9.00
N SER B 167 22.83 -4.78 -9.37
CA SER B 167 24.06 -5.31 -8.81
C SER B 167 24.16 -5.08 -7.29
N LEU B 168 23.51 -4.03 -6.80
CA LEU B 168 23.55 -3.72 -5.36
C LEU B 168 22.23 -4.04 -4.63
N ALA B 169 21.46 -4.95 -5.21
CA ALA B 169 20.16 -5.39 -4.70
C ALA B 169 20.11 -5.53 -3.16
N SER B 170 21.22 -5.96 -2.58
CA SER B 170 21.32 -6.13 -1.14
C SER B 170 21.46 -4.77 -0.45
N GLY B 171 20.66 -4.53 0.57
CA GLY B 171 20.76 -3.27 1.30
C GLY B 171 20.05 -2.06 0.70
N VAL B 172 19.12 -2.31 -0.21
CA VAL B 172 18.35 -1.21 -0.82
C VAL B 172 17.02 -1.02 -0.11
N HIS B 173 16.63 0.23 0.10
CA HIS B 173 15.34 0.52 0.70
C HIS B 173 14.69 1.57 -0.21
N THR B 174 13.53 1.26 -0.78
CA THR B 174 12.79 2.20 -1.62
C THR B 174 11.47 2.46 -0.90
N PHE B 175 11.29 3.71 -0.47
CA PHE B 175 10.13 4.09 0.32
C PHE B 175 8.87 4.43 -0.49
N PRO B 176 7.68 4.21 0.10
CA PRO B 176 6.44 4.53 -0.63
C PRO B 176 6.45 6.03 -1.03
N ALA B 177 5.97 6.33 -2.23
CA ALA B 177 5.97 7.73 -2.66
C ALA B 177 4.96 8.54 -1.88
N VAL B 178 5.22 9.84 -1.80
CA VAL B 178 4.30 10.71 -1.12
C VAL B 178 3.91 11.78 -2.13
N LEU B 179 2.72 12.33 -1.95
CA LEU B 179 2.18 13.34 -2.84
C LEU B 179 2.35 14.76 -2.31
N GLN B 180 2.61 15.66 -3.23
CA GLN B 180 2.76 17.07 -2.90
C GLN B 180 2.40 17.83 -4.15
N SER B 181 1.33 18.60 -4.06
CA SER B 181 0.87 19.40 -5.18
C SER B 181 0.64 18.58 -6.44
N GLY B 182 -0.05 17.46 -6.27
CA GLY B 182 -0.37 16.61 -7.41
C GLY B 182 0.77 15.72 -7.88
N LEU B 183 1.99 16.01 -7.44
CA LEU B 183 3.13 15.21 -7.88
C LEU B 183 3.72 14.31 -6.82
N TYR B 184 4.27 13.20 -7.26
CA TYR B 184 4.87 12.22 -6.35
C TYR B 184 6.37 12.43 -6.14
N THR B 185 6.85 12.05 -4.96
CA THR B 185 8.28 12.10 -4.66
C THR B 185 8.58 10.86 -3.84
N LEU B 186 9.71 10.25 -4.15
CA LEU B 186 10.09 9.04 -3.43
C LEU B 186 11.57 9.07 -3.19
N SER B 187 12.00 8.41 -2.12
CA SER B 187 13.41 8.33 -1.83
C SER B 187 13.78 6.86 -1.88
N SER B 188 14.97 6.57 -2.41
CA SER B 188 15.48 5.20 -2.45
C SER B 188 16.90 5.25 -1.89
N SER B 189 17.22 4.34 -0.96
CA SER B 189 18.56 4.35 -0.40
C SER B 189 19.27 3.00 -0.60
N VAL B 190 20.58 3.05 -0.57
CA VAL B 190 21.38 1.83 -0.69
C VAL B 190 22.52 1.91 0.31
N THR B 191 22.80 0.80 0.99
CA THR B 191 23.89 0.79 1.95
C THR B 191 24.94 -0.17 1.39
N VAL B 192 26.16 0.33 1.26
CA VAL B 192 27.25 -0.45 0.71
C VAL B 192 28.49 -0.34 1.58
N PRO B 193 29.43 -1.29 1.43
CA PRO B 193 30.65 -1.26 2.22
C PRO B 193 31.41 0.05 1.97
N ALA B 194 32.07 0.57 3.00
CA ALA B 194 32.82 1.80 2.85
C ALA B 194 33.75 1.69 1.64
N SER B 195 34.20 0.46 1.36
CA SER B 195 35.11 0.19 0.25
C SER B 195 34.50 0.55 -1.11
N PRO B 196 33.35 -0.06 -1.46
CA PRO B 196 32.72 0.24 -2.74
C PRO B 196 32.56 1.75 -2.96
N TRP B 197 32.06 2.43 -1.93
CA TRP B 197 31.84 3.88 -2.00
C TRP B 197 33.10 4.63 -2.41
N ALA B 198 34.27 4.13 -2.03
CA ALA B 198 35.52 4.80 -2.36
C ALA B 198 36.20 4.29 -3.63
N SER B 199 36.07 2.99 -3.88
CA SER B 199 36.72 2.41 -5.06
C SER B 199 35.76 1.97 -6.15
N GLU B 200 34.58 2.59 -6.22
CA GLU B 200 33.63 2.17 -7.25
C GLU B 200 32.41 3.10 -7.39
N ALA B 201 32.04 3.36 -8.63
CA ALA B 201 30.90 4.23 -8.91
C ALA B 201 29.56 3.60 -8.50
N VAL B 202 28.70 4.43 -7.90
CA VAL B 202 27.39 3.98 -7.46
C VAL B 202 26.35 4.83 -8.18
N THR B 203 25.45 4.14 -8.86
CA THR B 203 24.41 4.80 -9.65
C THR B 203 23.01 4.32 -9.40
N CYS B 204 22.09 5.26 -9.33
CA CYS B 204 20.73 4.89 -9.14
C CYS B 204 20.07 5.00 -10.51
N ASN B 205 19.39 3.93 -10.91
CA ASN B 205 18.74 3.86 -12.21
C ASN B 205 17.26 3.99 -11.96
N VAL B 206 16.66 5.07 -12.44
CA VAL B 206 15.24 5.33 -12.23
C VAL B 206 14.46 5.19 -13.52
N ALA B 207 13.38 4.44 -13.48
CA ALA B 207 12.55 4.28 -14.66
C ALA B 207 11.13 4.74 -14.43
N HIS B 208 10.62 5.52 -15.38
CA HIS B 208 9.26 6.01 -15.27
C HIS B 208 8.52 5.67 -16.56
N PRO B 209 7.89 4.49 -16.58
CA PRO B 209 7.14 4.00 -17.73
C PRO B 209 6.23 5.00 -18.42
N ALA B 210 5.33 5.57 -17.65
CA ALA B 210 4.35 6.52 -18.16
C ALA B 210 4.93 7.62 -19.02
N SER B 211 6.14 8.09 -18.71
CA SER B 211 6.75 9.16 -19.51
C SER B 211 7.85 8.65 -20.43
N SER B 212 7.93 7.33 -20.56
CA SER B 212 8.93 6.67 -21.41
C SER B 212 10.34 7.17 -21.11
N THR B 213 10.61 7.41 -19.84
CA THR B 213 11.91 7.95 -19.44
C THR B 213 12.70 7.00 -18.55
N LYS B 214 14.03 7.03 -18.68
CA LYS B 214 14.93 6.26 -17.83
C LYS B 214 16.03 7.23 -17.48
N VAL B 215 16.31 7.38 -16.18
CA VAL B 215 17.36 8.28 -15.74
C VAL B 215 18.40 7.58 -14.89
N ASP B 216 19.66 7.83 -15.20
CA ASP B 216 20.75 7.27 -14.42
C ASP B 216 21.46 8.41 -13.72
N LYS B 217 21.50 8.36 -12.39
CA LYS B 217 22.17 9.42 -11.64
C LYS B 217 23.31 8.83 -10.82
N LYS B 218 24.54 9.23 -11.15
CA LYS B 218 25.71 8.75 -10.41
C LYS B 218 25.80 9.58 -9.14
N ILE B 219 26.03 8.92 -8.01
CA ILE B 219 26.15 9.65 -6.75
C ILE B 219 27.62 9.93 -6.51
N VAL B 220 28.01 11.20 -6.55
CA VAL B 220 29.41 11.54 -6.32
C VAL B 220 29.59 12.25 -4.99
N PRO B 221 30.72 12.00 -4.31
CA PRO B 221 31.04 12.61 -3.02
C PRO B 221 30.85 14.12 -3.03
N ARG B 222 30.48 14.70 -1.90
CA ARG B 222 30.28 16.14 -1.83
C ARG B 222 31.62 16.86 -1.72
CL CL C . -18.36 -2.58 1.88
#